data_2Y5S
#
_entry.id   2Y5S
#
_cell.length_a   73.662
_cell.length_b   86.920
_cell.length_c   88.795
_cell.angle_alpha   90.00
_cell.angle_beta   90.00
_cell.angle_gamma   90.00
#
_symmetry.space_group_name_H-M   'P 21 21 21'
#
loop_
_entity.id
_entity.type
_entity.pdbx_description
1 polymer 'DIHYDROPTEROATE SYNTHASE'
2 non-polymer 7,8-DIHYDROPTEROATE
3 non-polymer 'CHLORIDE ION'
4 non-polymer 1,2-ETHANEDIOL
5 water water
#
_entity_poly.entity_id   1
_entity_poly.type   'polypeptide(L)'
_entity_poly.pdbx_seq_one_letter_code
;GHMSTFLPAPLQCGRFELTFERPLVMGILNATPDSFSDGGRFLARDDALRRAERMIAEGADLLDIGGESTRPGAPPVPLD
EELARVIPLVEALRPLNVPLSIDTYKPAVMRAALAAGADLINDIWGFRQPGAIDAVRDGNSGLCAMHMLGEPQTMQVGEP
DYGDVVTDVRDFLAARAQALRDAGVAAERICVDPGFGFGKAVVDDNYALLAALPDTAPARPDGRAYPILAGMSRKSMLGA
VIGGKPPLERVAASVAAALCAVERGAAIVRVHDVAATVDALSVWNAVRAAARQR
;
_entity_poly.pdbx_strand_id   A,B
#
loop_
_chem_comp.id
_chem_comp.type
_chem_comp.name
_chem_comp.formula
78H non-polymer 7,8-DIHYDROPTEROATE 'C14 H14 N6 O3'
CL non-polymer 'CHLORIDE ION' 'Cl -1'
EDO non-polymer 1,2-ETHANEDIOL 'C2 H6 O2'
#
# COMPACT_ATOMS: atom_id res chain seq x y z
N THR A 5 1.76 13.90 13.83
CA THR A 5 1.74 13.62 12.36
C THR A 5 2.72 14.53 11.62
N PHE A 6 3.54 13.93 10.78
CA PHE A 6 4.54 14.67 10.03
C PHE A 6 3.90 15.58 8.97
N LEU A 7 4.43 16.79 8.85
CA LEU A 7 4.01 17.73 7.80
C LEU A 7 5.25 18.19 7.07
N PRO A 8 5.48 17.67 5.85
CA PRO A 8 6.64 18.11 5.07
C PRO A 8 6.66 19.62 4.86
N ALA A 9 7.85 20.20 4.88
CA ALA A 9 8.04 21.63 4.64
C ALA A 9 7.54 22.04 3.25
N PRO A 10 6.98 23.25 3.12
CA PRO A 10 6.37 23.71 1.86
C PRO A 10 7.38 23.87 0.73
N LEU A 11 6.91 23.74 -0.51
CA LEU A 11 7.75 23.88 -1.68
C LEU A 11 7.27 25.01 -2.57
N GLN A 12 8.11 26.02 -2.73
CA GLN A 12 7.89 27.06 -3.70
C GLN A 12 8.14 26.45 -5.07
N CYS A 13 7.13 26.46 -5.93
CA CYS A 13 7.16 25.66 -7.15
C CYS A 13 6.64 26.42 -8.37
N GLY A 14 7.40 27.44 -8.76
CA GLY A 14 7.06 28.24 -9.93
C GLY A 14 5.81 29.07 -9.67
N ARG A 15 4.74 28.80 -10.42
CA ARG A 15 3.46 29.48 -10.22
C ARG A 15 2.75 29.06 -8.94
N PHE A 16 3.19 27.94 -8.35
CA PHE A 16 2.46 27.33 -7.27
C PHE A 16 3.27 27.34 -5.98
N GLU A 17 2.55 27.53 -4.86
N GLU A 17 2.55 27.50 -4.87
CA GLU A 17 3.11 27.32 -3.54
CA GLU A 17 3.14 27.31 -3.55
C GLU A 17 2.52 26.00 -3.07
C GLU A 17 2.54 26.02 -3.02
N LEU A 18 3.35 24.97 -3.00
CA LEU A 18 2.89 23.65 -2.63
C LEU A 18 3.03 23.50 -1.15
N THR A 19 1.95 23.04 -0.51
CA THR A 19 1.98 22.68 0.89
C THR A 19 1.53 21.23 0.98
N PHE A 20 1.93 20.56 2.04
CA PHE A 20 1.82 19.11 2.08
C PHE A 20 0.97 18.60 3.22
N GLU A 21 -0.20 19.21 3.39
CA GLU A 21 -1.24 18.68 4.28
C GLU A 21 -1.53 17.22 3.92
N ARG A 22 -1.51 16.95 2.61
CA ARG A 22 -1.49 15.58 2.10
C ARG A 22 -0.35 15.44 1.12
N PRO A 23 0.20 14.22 0.98
CA PRO A 23 1.20 13.99 -0.06
C PRO A 23 0.63 14.21 -1.45
N LEU A 24 1.47 14.65 -2.37
CA LEU A 24 1.06 14.92 -3.73
C LEU A 24 1.55 13.81 -4.65
N VAL A 25 0.80 13.59 -5.73
CA VAL A 25 1.12 12.55 -6.70
C VAL A 25 1.62 13.22 -7.99
N MET A 26 2.85 12.92 -8.36
CA MET A 26 3.45 13.38 -9.62
C MET A 26 3.31 12.28 -10.66
N GLY A 27 2.54 12.55 -11.71
CA GLY A 27 2.34 11.58 -12.78
C GLY A 27 3.46 11.67 -13.78
N ILE A 28 3.99 10.52 -14.17
CA ILE A 28 5.10 10.45 -15.11
C ILE A 28 4.58 10.55 -16.53
N LEU A 29 5.01 11.59 -17.22
CA LEU A 29 4.63 11.81 -18.62
C LEU A 29 5.85 11.62 -19.50
N ASN A 30 6.07 10.36 -19.87
CA ASN A 30 7.12 9.97 -20.79
C ASN A 30 6.77 10.49 -22.17
N ALA A 31 7.49 11.50 -22.64
CA ALA A 31 7.24 12.11 -23.96
C ALA A 31 8.14 11.55 -25.07
N THR A 32 8.63 10.31 -24.91
CA THR A 32 9.47 9.64 -25.93
C THR A 32 8.61 8.87 -26.93
N PRO A 33 8.82 9.08 -28.25
CA PRO A 33 8.09 8.28 -29.25
C PRO A 33 8.46 6.79 -29.24
N ALA A 44 2.16 10.90 -30.43
CA ALA A 44 3.45 11.56 -30.26
C ALA A 44 3.31 12.80 -29.34
N ARG A 45 3.46 14.00 -29.90
N ARG A 45 3.45 14.00 -29.89
CA ARG A 45 3.30 15.24 -29.16
CA ARG A 45 3.32 15.24 -29.13
C ARG A 45 1.83 15.65 -29.06
C ARG A 45 1.84 15.65 -29.06
N ASP A 46 0.99 14.70 -28.68
CA ASP A 46 -0.49 14.83 -28.78
C ASP A 46 -1.14 13.64 -28.07
N ASP A 47 -0.56 12.47 -28.30
CA ASP A 47 -0.69 11.32 -27.41
C ASP A 47 -0.26 11.69 -25.98
N ALA A 48 0.81 12.48 -25.87
CA ALA A 48 1.28 12.97 -24.57
C ALA A 48 0.23 13.84 -23.88
N LEU A 49 -0.43 14.70 -24.66
CA LEU A 49 -1.43 15.61 -24.12
C LEU A 49 -2.66 14.90 -23.56
N ARG A 50 -3.16 13.87 -24.26
CA ARG A 50 -4.33 13.12 -23.77
C ARG A 50 -3.97 12.31 -22.53
N ARG A 51 -2.75 11.76 -22.50
CA ARG A 51 -2.21 11.11 -21.31
C ARG A 51 -2.20 12.05 -20.11
N ALA A 52 -1.73 13.27 -20.33
CA ALA A 52 -1.69 14.31 -19.28
C ALA A 52 -3.10 14.61 -18.74
N GLU A 53 -4.04 14.81 -19.65
CA GLU A 53 -5.44 15.04 -19.27
C GLU A 53 -6.01 13.89 -18.45
N ARG A 54 -5.70 12.66 -18.86
CA ARG A 54 -6.17 11.48 -18.14
C ARG A 54 -5.57 11.42 -16.73
N MET A 55 -4.27 11.65 -16.61
CA MET A 55 -3.60 11.61 -15.30
C MET A 55 -4.14 12.71 -14.34
N ILE A 56 -4.41 13.88 -14.88
CA ILE A 56 -5.07 14.94 -14.10
C ILE A 56 -6.46 14.48 -13.65
N ALA A 57 -7.23 13.88 -14.56
CA ALA A 57 -8.56 13.35 -14.23
C ALA A 57 -8.49 12.25 -13.18
N GLU A 58 -7.36 11.51 -13.17
CA GLU A 58 -7.16 10.42 -12.24
C GLU A 58 -6.66 10.94 -10.88
N GLY A 59 -6.36 12.23 -10.81
CA GLY A 59 -5.94 12.86 -9.56
C GLY A 59 -4.50 13.31 -9.43
N ALA A 60 -3.73 13.32 -10.53
CA ALA A 60 -2.35 13.80 -10.50
C ALA A 60 -2.28 15.26 -10.06
N ASP A 61 -1.36 15.55 -9.15
CA ASP A 61 -1.16 16.90 -8.64
C ASP A 61 -0.04 17.64 -9.38
N LEU A 62 0.90 16.88 -9.95
CA LEU A 62 1.96 17.41 -10.81
C LEU A 62 2.14 16.44 -11.97
N LEU A 63 2.73 16.94 -13.03
CA LEU A 63 3.10 16.12 -14.19
C LEU A 63 4.58 16.32 -14.45
N ASP A 64 5.30 15.22 -14.62
CA ASP A 64 6.74 15.24 -14.89
C ASP A 64 6.94 14.93 -16.35
N ILE A 65 7.40 15.92 -17.10
CA ILE A 65 7.59 15.77 -18.50
C ILE A 65 9.04 15.36 -18.74
N GLY A 66 9.22 14.21 -19.39
CA GLY A 66 10.54 13.68 -19.69
C GLY A 66 10.68 13.36 -21.16
N GLY A 67 11.67 13.96 -21.81
CA GLY A 67 11.98 13.73 -23.23
C GLY A 67 13.11 12.75 -23.51
N GLU A 68 13.78 12.29 -22.45
CA GLU A 68 14.86 11.31 -22.55
C GLU A 68 14.53 10.00 -21.78
N SER A 69 15.53 9.12 -21.67
CA SER A 69 15.58 8.15 -20.58
C SER A 69 16.67 8.55 -19.55
N THR A 70 16.23 9.30 -18.55
CA THR A 70 17.02 9.69 -17.38
C THR A 70 17.10 8.51 -16.40
N ARG A 71 17.84 7.47 -16.79
CA ARG A 71 17.94 6.26 -15.97
C ARG A 71 19.28 5.57 -16.27
N PRO A 72 19.82 4.80 -15.30
CA PRO A 72 21.11 4.13 -15.51
C PRO A 72 21.14 3.26 -16.78
N GLY A 73 22.24 3.31 -17.52
CA GLY A 73 22.40 2.51 -18.73
C GLY A 73 21.66 2.99 -19.96
N ALA A 74 20.80 4.01 -19.81
CA ALA A 74 19.97 4.51 -20.91
C ALA A 74 20.81 5.35 -21.87
N PRO A 75 20.62 5.13 -23.20
CA PRO A 75 21.32 6.00 -24.15
C PRO A 75 20.76 7.43 -24.11
N PRO A 76 21.61 8.43 -24.41
CA PRO A 76 21.17 9.83 -24.33
C PRO A 76 20.46 10.33 -25.60
N VAL A 77 19.60 11.33 -25.41
CA VAL A 77 18.89 11.98 -26.51
C VAL A 77 19.60 13.30 -26.85
N PRO A 78 19.79 13.60 -28.15
CA PRO A 78 20.43 14.85 -28.53
C PRO A 78 19.59 16.09 -28.18
N LEU A 79 20.27 17.20 -27.92
CA LEU A 79 19.62 18.39 -27.35
C LEU A 79 18.39 18.85 -28.13
N ASP A 80 18.56 18.99 -29.45
CA ASP A 80 17.48 19.53 -30.28
C ASP A 80 16.24 18.61 -30.30
N GLU A 81 16.45 17.30 -30.14
CA GLU A 81 15.32 16.37 -30.09
C GLU A 81 14.59 16.46 -28.76
N GLU A 82 15.34 16.58 -27.66
CA GLU A 82 14.74 16.71 -26.33
C GLU A 82 13.92 18.01 -26.26
N LEU A 83 14.45 19.09 -26.82
CA LEU A 83 13.74 20.37 -26.86
C LEU A 83 12.46 20.26 -27.69
N ALA A 84 12.53 19.59 -28.84
CA ALA A 84 11.34 19.36 -29.69
C ALA A 84 10.22 18.57 -29.01
N ARG A 85 10.57 17.67 -28.08
CA ARG A 85 9.58 16.90 -27.31
C ARG A 85 9.04 17.61 -26.08
N VAL A 86 9.89 18.38 -25.40
CA VAL A 86 9.52 18.95 -24.10
C VAL A 86 8.87 20.33 -24.22
N ILE A 87 9.44 21.21 -25.03
CA ILE A 87 8.96 22.60 -25.04
C ILE A 87 7.50 22.73 -25.50
N PRO A 88 7.10 22.06 -26.60
CA PRO A 88 5.69 22.14 -27.01
C PRO A 88 4.73 21.58 -25.97
N LEU A 89 5.19 20.62 -25.18
CA LEU A 89 4.37 20.04 -24.13
C LEU A 89 4.22 21.03 -23.00
N VAL A 90 5.32 21.71 -22.62
CA VAL A 90 5.21 22.76 -21.60
C VAL A 90 4.21 23.82 -22.06
N GLU A 91 4.37 24.30 -23.29
CA GLU A 91 3.47 25.32 -23.83
C GLU A 91 2.00 24.83 -23.87
N ALA A 92 1.78 23.58 -24.28
CA ALA A 92 0.42 23.03 -24.40
C ALA A 92 -0.23 22.74 -23.05
N LEU A 93 0.57 22.38 -22.04
CA LEU A 93 0.05 21.98 -20.72
C LEU A 93 -0.08 23.11 -19.69
N ARG A 94 0.53 24.25 -19.94
CA ARG A 94 0.50 25.38 -18.99
CA ARG A 94 0.52 25.41 -19.02
C ARG A 94 -0.91 25.86 -18.68
N PRO A 95 -1.79 25.96 -19.71
CA PRO A 95 -3.15 26.39 -19.42
C PRO A 95 -3.93 25.52 -18.46
N LEU A 96 -3.51 24.27 -18.26
CA LEU A 96 -4.22 23.37 -17.36
C LEU A 96 -4.00 23.75 -15.89
N ASN A 97 -3.03 24.62 -15.63
CA ASN A 97 -2.79 25.13 -14.28
C ASN A 97 -2.44 24.06 -13.23
N VAL A 98 -1.63 23.09 -13.66
CA VAL A 98 -1.12 22.07 -12.76
CA VAL A 98 -1.13 22.02 -12.80
C VAL A 98 0.40 22.12 -12.83
N PRO A 99 1.07 21.91 -11.70
CA PRO A 99 2.53 22.05 -11.72
C PRO A 99 3.19 21.18 -12.79
N LEU A 100 4.07 21.79 -13.58
CA LEU A 100 4.79 21.07 -14.63
C LEU A 100 6.24 20.94 -14.21
N SER A 101 6.68 19.69 -14.03
CA SER A 101 8.04 19.38 -13.67
C SER A 101 8.74 18.89 -14.94
N ILE A 102 10.03 19.21 -15.06
CA ILE A 102 10.80 18.81 -16.20
C ILE A 102 11.92 17.86 -15.73
N ASP A 103 11.89 16.63 -16.24
CA ASP A 103 12.90 15.60 -15.92
C ASP A 103 14.06 15.74 -16.88
N THR A 104 15.02 16.56 -16.48
CA THR A 104 16.19 16.81 -17.28
C THR A 104 17.39 17.15 -16.41
N TYR A 105 18.57 16.78 -16.90
CA TYR A 105 19.84 17.16 -16.29
C TYR A 105 20.62 18.13 -17.18
N LYS A 106 20.07 18.46 -18.35
CA LYS A 106 20.74 19.31 -19.32
C LYS A 106 20.42 20.79 -19.09
N PRO A 107 21.44 21.60 -18.74
CA PRO A 107 21.21 23.03 -18.52
C PRO A 107 20.48 23.76 -19.66
N ALA A 108 20.74 23.39 -20.91
CA ALA A 108 20.04 24.03 -22.03
C ALA A 108 18.55 23.73 -22.03
N VAL A 109 18.19 22.51 -21.64
CA VAL A 109 16.77 22.14 -21.53
C VAL A 109 16.14 22.86 -20.34
N MET A 110 16.87 22.92 -19.24
CA MET A 110 16.43 23.69 -18.06
C MET A 110 16.10 25.13 -18.40
N ARG A 111 17.06 25.80 -19.04
CA ARG A 111 16.88 27.18 -19.53
C ARG A 111 15.65 27.37 -20.41
N ALA A 112 15.52 26.50 -21.40
CA ALA A 112 14.46 26.62 -22.38
C ALA A 112 13.10 26.30 -21.75
N ALA A 113 13.06 25.33 -20.85
CA ALA A 113 11.81 24.93 -20.20
C ALA A 113 11.31 26.00 -19.24
N LEU A 114 12.21 26.58 -18.46
CA LEU A 114 11.84 27.66 -17.56
C LEU A 114 11.33 28.89 -18.35
N ALA A 115 11.97 29.20 -19.48
CA ALA A 115 11.54 30.32 -20.33
C ALA A 115 10.15 30.06 -20.95
N ALA A 116 9.86 28.79 -21.25
CA ALA A 116 8.53 28.35 -21.70
C ALA A 116 7.53 28.26 -20.55
N GLY A 117 7.98 28.37 -19.30
CA GLY A 117 7.06 28.47 -18.16
C GLY A 117 6.88 27.23 -17.28
N ALA A 118 7.85 26.31 -17.32
CA ALA A 118 7.83 25.15 -16.45
C ALA A 118 7.88 25.61 -14.99
N ASP A 119 7.33 24.80 -14.11
CA ASP A 119 7.25 25.13 -12.68
C ASP A 119 8.34 24.51 -11.83
N LEU A 120 8.90 23.38 -12.27
CA LEU A 120 9.86 22.64 -11.44
C LEU A 120 10.89 21.93 -12.31
N ILE A 121 12.16 22.00 -11.91
CA ILE A 121 13.20 21.27 -12.62
C ILE A 121 13.62 20.07 -11.78
N ASN A 122 13.51 18.90 -12.37
CA ASN A 122 13.76 17.65 -11.67
C ASN A 122 15.04 17.02 -12.28
N ASP A 123 16.13 17.06 -11.53
CA ASP A 123 17.46 16.76 -12.06
C ASP A 123 18.12 15.55 -11.39
N ILE A 124 18.20 14.48 -12.15
CA ILE A 124 18.89 13.29 -11.68
C ILE A 124 20.38 13.50 -11.32
N TRP A 125 21.01 14.55 -11.89
CA TRP A 125 22.40 14.86 -11.58
C TRP A 125 22.58 15.87 -10.45
N GLY A 126 21.49 16.29 -9.81
CA GLY A 126 21.58 17.15 -8.63
C GLY A 126 22.21 18.51 -8.91
N PHE A 127 21.91 19.05 -10.08
CA PHE A 127 22.44 20.30 -10.57
C PHE A 127 23.96 20.34 -10.64
N ARG A 128 24.56 19.18 -10.95
CA ARG A 128 26.00 19.10 -11.08
C ARG A 128 26.50 19.34 -12.50
N GLN A 129 25.64 19.20 -13.51
CA GLN A 129 26.15 19.38 -14.89
C GLN A 129 26.57 20.84 -15.04
N PRO A 130 27.72 21.08 -15.70
CA PRO A 130 28.16 22.48 -15.78
C PRO A 130 27.12 23.40 -16.39
N GLY A 131 26.83 24.50 -15.69
CA GLY A 131 25.80 25.45 -16.14
C GLY A 131 24.41 25.26 -15.57
N ALA A 132 24.15 24.16 -14.85
CA ALA A 132 22.80 23.88 -14.33
C ALA A 132 22.35 24.89 -13.28
N ILE A 133 23.22 25.15 -12.32
CA ILE A 133 22.87 26.08 -11.25
C ILE A 133 22.61 27.46 -11.83
N ASP A 134 23.45 27.86 -12.79
CA ASP A 134 23.30 29.15 -13.44
C ASP A 134 21.98 29.26 -14.23
N ALA A 135 21.58 28.17 -14.88
CA ALA A 135 20.29 28.10 -15.58
C ALA A 135 19.04 28.24 -14.65
N VAL A 136 19.13 27.75 -13.42
CA VAL A 136 17.94 27.69 -12.53
C VAL A 136 17.96 28.72 -11.37
N ARG A 137 19.07 29.44 -11.23
CA ARG A 137 19.31 30.50 -10.22
CA ARG A 137 19.19 30.32 -10.09
C ARG A 137 18.12 31.42 -10.03
N ASP A 138 17.71 31.98 -11.15
CA ASP A 138 16.74 33.08 -11.17
C ASP A 138 15.32 32.53 -11.06
N GLY A 139 14.42 33.37 -10.55
CA GLY A 139 13.00 33.08 -10.56
C GLY A 139 12.55 32.25 -9.37
N ASN A 140 11.41 31.59 -9.52
CA ASN A 140 10.72 30.91 -8.44
CA ASN A 140 10.80 30.88 -8.40
C ASN A 140 10.46 29.41 -8.66
N SER A 141 11.08 28.81 -9.68
CA SER A 141 10.86 27.40 -9.99
C SER A 141 11.26 26.51 -8.81
N GLY A 142 10.49 25.44 -8.60
CA GLY A 142 10.90 24.39 -7.68
C GLY A 142 12.06 23.62 -8.28
N LEU A 143 12.91 23.09 -7.42
CA LEU A 143 14.10 22.38 -7.86
C LEU A 143 14.20 21.09 -7.10
N CYS A 144 14.19 19.94 -7.78
CA CYS A 144 14.44 18.67 -7.14
C CYS A 144 15.86 18.19 -7.41
N ALA A 145 16.68 18.22 -6.35
CA ALA A 145 18.04 17.69 -6.37
C ALA A 145 18.00 16.22 -5.96
N MET A 146 18.23 15.34 -6.91
CA MET A 146 18.30 13.92 -6.66
C MET A 146 19.72 13.44 -6.38
N HIS A 147 19.84 12.38 -5.58
CA HIS A 147 21.10 11.65 -5.43
C HIS A 147 21.23 10.52 -6.45
N MET A 148 22.30 10.60 -7.23
CA MET A 148 22.82 9.47 -8.01
C MET A 148 24.31 9.33 -7.75
N LEU A 149 24.78 8.13 -7.49
CA LEU A 149 26.20 7.88 -7.40
C LEU A 149 26.73 7.72 -8.81
N GLY A 150 27.64 8.59 -9.21
CA GLY A 150 28.23 8.50 -10.53
C GLY A 150 29.12 9.68 -10.88
N GLU A 151 29.57 9.67 -12.12
CA GLU A 151 30.50 10.68 -12.64
C GLU A 151 29.78 11.61 -13.62
N PRO A 152 29.54 12.86 -13.21
CA PRO A 152 28.74 13.79 -14.04
C PRO A 152 29.33 14.00 -15.44
N GLN A 153 30.65 14.04 -15.53
CA GLN A 153 31.32 14.39 -16.78
C GLN A 153 30.97 13.40 -17.90
N THR A 154 30.94 12.12 -17.59
CA THR A 154 30.62 11.10 -18.58
C THR A 154 29.18 10.60 -18.47
N MET A 155 28.44 11.14 -17.50
CA MET A 155 27.05 10.75 -17.23
C MET A 155 26.90 9.24 -17.02
N GLN A 156 27.89 8.64 -16.35
CA GLN A 156 27.87 7.22 -16.08
C GLN A 156 27.52 6.99 -14.61
N VAL A 157 26.55 6.12 -14.39
CA VAL A 157 26.19 5.70 -13.03
CA VAL A 157 26.19 5.70 -13.03
C VAL A 157 27.35 4.88 -12.47
N GLY A 158 27.61 5.02 -11.18
CA GLY A 158 28.69 4.27 -10.54
C GLY A 158 28.22 3.00 -9.87
N GLU A 159 29.17 2.13 -9.55
CA GLU A 159 28.88 0.92 -8.79
CA GLU A 159 28.92 0.91 -8.78
C GLU A 159 28.56 1.33 -7.36
N PRO A 160 27.58 0.64 -6.72
CA PRO A 160 27.28 1.04 -5.35
C PRO A 160 28.48 1.02 -4.41
N ASP A 161 28.63 2.08 -3.63
CA ASP A 161 29.76 2.24 -2.74
C ASP A 161 29.39 3.28 -1.69
N TYR A 162 29.12 2.82 -0.47
CA TYR A 162 28.66 3.68 0.65
C TYR A 162 29.25 3.16 1.96
N GLY A 163 29.34 4.04 2.97
CA GLY A 163 29.49 3.60 4.36
C GLY A 163 28.10 3.27 4.88
N ASP A 164 27.41 4.26 5.45
CA ASP A 164 25.96 4.17 5.65
C ASP A 164 25.33 4.97 4.51
N VAL A 165 24.64 4.26 3.62
CA VAL A 165 24.04 4.88 2.45
C VAL A 165 23.07 6.01 2.81
N VAL A 166 22.35 5.85 3.91
CA VAL A 166 21.42 6.89 4.36
C VAL A 166 22.16 8.19 4.65
N THR A 167 23.23 8.11 5.44
CA THR A 167 24.06 9.25 5.77
C THR A 167 24.76 9.84 4.55
N ASP A 168 25.30 8.98 3.69
CA ASP A 168 25.98 9.46 2.48
C ASP A 168 25.01 10.22 1.56
N VAL A 169 23.79 9.70 1.40
CA VAL A 169 22.78 10.37 0.58
C VAL A 169 22.42 11.74 1.18
N ARG A 170 22.10 11.76 2.47
CA ARG A 170 21.79 13.03 3.15
C ARG A 170 22.93 14.05 3.03
N ASP A 171 24.17 13.63 3.27
CA ASP A 171 25.32 14.56 3.18
C ASP A 171 25.48 15.11 1.76
N PHE A 172 25.28 14.26 0.75
CA PHE A 172 25.31 14.73 -0.63
C PHE A 172 24.24 15.77 -0.86
N LEU A 173 23.02 15.47 -0.43
CA LEU A 173 21.88 16.37 -0.69
C LEU A 173 22.08 17.68 0.06
N ALA A 174 22.68 17.60 1.25
CA ALA A 174 23.02 18.84 1.97
C ALA A 174 23.99 19.71 1.14
N ALA A 175 24.97 19.09 0.49
CA ALA A 175 25.95 19.84 -0.29
C ALA A 175 25.30 20.45 -1.53
N ARG A 176 24.37 19.72 -2.14
CA ARG A 176 23.69 20.23 -3.33
C ARG A 176 22.76 21.38 -2.96
N ALA A 177 22.00 21.22 -1.89
CA ALA A 177 21.19 22.34 -1.36
C ALA A 177 22.05 23.55 -1.08
N GLN A 178 23.22 23.34 -0.47
CA GLN A 178 24.11 24.45 -0.12
C GLN A 178 24.63 25.14 -1.38
N ALA A 179 24.98 24.36 -2.41
CA ALA A 179 25.46 24.93 -3.68
C ALA A 179 24.41 25.79 -4.35
N LEU A 180 23.16 25.34 -4.33
CA LEU A 180 22.06 26.13 -4.86
C LEU A 180 21.88 27.42 -4.08
N ARG A 181 21.92 27.32 -2.74
CA ARG A 181 21.76 28.48 -1.89
C ARG A 181 22.89 29.49 -2.02
N ASP A 182 24.12 28.99 -2.21
CA ASP A 182 25.30 29.83 -2.47
C ASP A 182 25.10 30.68 -3.73
N ALA A 183 24.34 30.17 -4.70
CA ALA A 183 24.02 30.90 -5.93
C ALA A 183 22.79 31.82 -5.82
N GLY A 184 22.16 31.90 -4.65
CA GLY A 184 21.00 32.78 -4.46
C GLY A 184 19.64 32.10 -4.46
N VAL A 185 19.59 30.78 -4.63
CA VAL A 185 18.33 30.03 -4.58
C VAL A 185 17.76 30.01 -3.16
N ALA A 186 16.51 30.45 -3.00
CA ALA A 186 15.82 30.34 -1.71
C ALA A 186 15.63 28.87 -1.32
N ALA A 187 15.87 28.56 -0.04
CA ALA A 187 15.75 27.18 0.44
C ALA A 187 14.35 26.60 0.19
N GLU A 188 13.35 27.49 0.19
CA GLU A 188 11.95 27.09 0.03
CA GLU A 188 11.95 27.10 0.03
C GLU A 188 11.66 26.51 -1.37
N ARG A 189 12.51 26.81 -2.35
CA ARG A 189 12.37 26.29 -3.72
C ARG A 189 12.89 24.85 -3.92
N ILE A 190 13.57 24.31 -2.91
CA ILE A 190 14.36 23.09 -3.07
C ILE A 190 13.65 21.90 -2.42
N CYS A 191 13.48 20.83 -3.19
CA CYS A 191 13.19 19.52 -2.60
C CYS A 191 14.29 18.55 -2.96
N VAL A 192 14.32 17.42 -2.27
CA VAL A 192 15.37 16.44 -2.39
C VAL A 192 14.78 15.07 -2.63
N ASP A 193 15.61 14.20 -3.20
CA ASP A 193 15.21 12.87 -3.60
C ASP A 193 16.41 11.92 -3.47
N PRO A 194 16.27 10.82 -2.72
CA PRO A 194 17.38 9.89 -2.53
C PRO A 194 17.73 9.06 -3.77
N GLY A 195 16.95 9.18 -4.84
CA GLY A 195 17.29 8.54 -6.12
C GLY A 195 17.29 7.03 -6.09
N PHE A 196 16.14 6.45 -5.78
CA PHE A 196 15.99 5.02 -5.79
C PHE A 196 16.42 4.47 -7.14
N GLY A 197 17.31 3.48 -7.11
CA GLY A 197 17.75 2.75 -8.28
C GLY A 197 18.87 3.40 -9.08
N PHE A 198 19.45 4.48 -8.56
CA PHE A 198 20.58 5.17 -9.20
C PHE A 198 21.88 4.99 -8.40
N GLY A 199 22.64 3.94 -8.70
CA GLY A 199 23.91 3.70 -8.03
C GLY A 199 23.74 3.03 -6.67
N LYS A 200 22.69 2.23 -6.53
CA LYS A 200 22.32 1.62 -5.27
C LYS A 200 22.26 0.12 -5.43
N ALA A 201 22.70 -0.64 -4.43
CA ALA A 201 22.44 -2.09 -4.45
C ALA A 201 20.92 -2.31 -4.50
N VAL A 202 20.49 -3.17 -5.42
CA VAL A 202 19.12 -3.22 -5.89
C VAL A 202 18.12 -3.38 -4.73
N VAL A 203 18.48 -4.20 -3.74
CA VAL A 203 17.68 -4.37 -2.56
C VAL A 203 18.30 -3.71 -1.34
N ASP A 204 19.56 -4.05 -1.01
CA ASP A 204 20.21 -3.60 0.24
CA ASP A 204 20.17 -3.60 0.27
C ASP A 204 20.07 -2.07 0.44
N ASP A 205 20.54 -1.33 -0.56
CA ASP A 205 20.59 0.12 -0.48
C ASP A 205 19.23 0.79 -0.67
N ASN A 206 18.48 0.39 -1.69
CA ASN A 206 17.17 0.96 -1.93
C ASN A 206 16.23 0.80 -0.74
N TYR A 207 16.19 -0.39 -0.14
CA TYR A 207 15.26 -0.62 0.95
C TYR A 207 15.72 0.00 2.27
N ALA A 208 17.03 0.18 2.43
CA ALA A 208 17.56 0.94 3.56
C ALA A 208 17.08 2.40 3.50
N LEU A 209 17.16 2.98 2.31
CA LEU A 209 16.72 4.35 2.08
C LEU A 209 15.21 4.52 2.27
N LEU A 210 14.41 3.55 1.83
CA LEU A 210 12.96 3.64 1.99
C LEU A 210 12.58 3.48 3.47
N ALA A 211 13.19 2.51 4.15
CA ALA A 211 12.94 2.31 5.58
C ALA A 211 13.35 3.52 6.41
N ALA A 212 14.44 4.20 6.03
CA ALA A 212 14.94 5.35 6.79
C ALA A 212 14.73 6.68 6.05
N LEU A 213 13.71 6.71 5.19
CA LEU A 213 13.43 7.84 4.29
C LEU A 213 13.51 9.24 4.89
N PRO A 214 12.89 9.50 6.08
CA PRO A 214 12.94 10.87 6.63
C PRO A 214 14.35 11.34 7.00
N ASP A 215 15.22 10.38 7.31
CA ASP A 215 16.62 10.65 7.61
C ASP A 215 17.49 10.93 6.38
N THR A 216 16.95 10.75 5.17
CA THR A 216 17.70 11.04 3.95
C THR A 216 17.67 12.54 3.60
N ALA A 217 16.81 13.31 4.25
CA ALA A 217 16.65 14.73 3.89
C ALA A 217 17.45 15.56 4.86
N PRO A 218 18.29 16.47 4.35
CA PRO A 218 18.96 17.37 5.28
C PRO A 218 18.04 18.51 5.70
N ALA A 219 18.53 19.35 6.61
CA ALA A 219 17.74 20.43 7.19
C ALA A 219 17.87 21.72 6.41
N ARG A 220 16.74 22.42 6.26
CA ARG A 220 16.71 23.80 5.78
C ARG A 220 17.22 24.71 6.88
N PRO A 221 17.50 25.98 6.56
CA PRO A 221 17.91 26.94 7.59
C PRO A 221 16.90 27.14 8.72
N ASP A 222 15.61 27.05 8.45
CA ASP A 222 14.58 27.20 9.52
C ASP A 222 14.51 25.99 10.45
N GLY A 223 15.22 24.93 10.13
CA GLY A 223 15.26 23.72 10.94
C GLY A 223 14.33 22.61 10.49
N ARG A 224 13.46 22.88 9.51
CA ARG A 224 12.65 21.83 8.90
C ARG A 224 13.47 21.10 7.85
N ALA A 225 13.26 19.80 7.72
CA ALA A 225 13.89 19.03 6.62
C ALA A 225 13.37 19.55 5.27
N TYR A 226 14.25 19.54 4.26
CA TYR A 226 13.82 19.72 2.88
C TYR A 226 12.76 18.67 2.59
N PRO A 227 11.70 19.04 1.84
CA PRO A 227 10.67 18.06 1.48
C PRO A 227 11.21 17.01 0.53
N ILE A 228 10.68 15.80 0.62
CA ILE A 228 11.20 14.66 -0.12
C ILE A 228 10.30 14.27 -1.29
N LEU A 229 10.91 14.14 -2.47
CA LEU A 229 10.26 13.48 -3.59
C LEU A 229 10.87 12.08 -3.70
N ALA A 230 10.02 11.07 -3.88
CA ALA A 230 10.48 9.69 -3.98
C ALA A 230 9.87 9.06 -5.25
N GLY A 231 10.71 8.37 -6.02
CA GLY A 231 10.25 7.71 -7.23
C GLY A 231 10.70 6.28 -7.23
N MET A 232 9.75 5.36 -7.06
CA MET A 232 10.04 3.91 -7.10
C MET A 232 9.22 3.12 -8.10
N SER A 233 8.32 3.82 -8.81
CA SER A 233 7.34 3.21 -9.68
C SER A 233 7.96 2.28 -10.70
N ARG A 234 7.54 1.01 -10.63
CA ARG A 234 7.92 -0.03 -11.59
C ARG A 234 9.42 -0.37 -11.65
N LYS A 235 10.17 0.04 -10.64
CA LYS A 235 11.63 -0.08 -10.71
C LYS A 235 12.09 -1.47 -10.29
N SER A 236 13.35 -1.74 -10.60
CA SER A 236 14.02 -3.01 -10.29
C SER A 236 13.96 -3.44 -8.85
N MET A 237 14.08 -2.48 -7.93
CA MET A 237 13.95 -2.81 -6.51
C MET A 237 12.65 -3.55 -6.21
N LEU A 238 11.61 -3.27 -6.98
CA LEU A 238 10.31 -3.93 -6.81
C LEU A 238 10.33 -5.29 -7.46
N GLY A 239 10.78 -5.37 -8.71
CA GLY A 239 10.89 -6.66 -9.39
C GLY A 239 11.71 -7.68 -8.62
N ALA A 240 12.78 -7.20 -7.98
CA ALA A 240 13.67 -8.03 -7.19
C ALA A 240 12.99 -8.79 -6.05
N VAL A 241 11.94 -8.22 -5.46
CA VAL A 241 11.29 -8.83 -4.29
C VAL A 241 10.00 -9.56 -4.63
N ILE A 242 9.55 -9.47 -5.88
CA ILE A 242 8.31 -10.14 -6.29
C ILE A 242 8.57 -11.25 -7.32
N GLY A 243 9.75 -11.85 -7.26
CA GLY A 243 10.12 -12.97 -8.13
C GLY A 243 10.59 -12.60 -9.53
N GLY A 244 10.98 -11.35 -9.74
CA GLY A 244 11.54 -10.92 -11.05
C GLY A 244 10.52 -10.63 -12.14
N LYS A 245 9.28 -10.32 -11.76
CA LYS A 245 8.27 -9.89 -12.72
C LYS A 245 8.71 -8.61 -13.46
N PRO A 246 8.31 -8.47 -14.73
CA PRO A 246 8.72 -7.32 -15.54
C PRO A 246 7.91 -6.03 -15.22
N PRO A 247 8.38 -4.86 -15.71
CA PRO A 247 7.86 -3.54 -15.31
C PRO A 247 6.35 -3.39 -15.28
N LEU A 248 5.66 -3.83 -16.34
CA LEU A 248 4.21 -3.68 -16.41
C LEU A 248 3.45 -4.54 -15.39
N GLU A 249 4.15 -5.45 -14.71
CA GLU A 249 3.52 -6.34 -13.73
C GLU A 249 3.91 -5.97 -12.29
N ARG A 250 4.35 -4.74 -12.10
CA ARG A 250 4.83 -4.27 -10.81
C ARG A 250 3.90 -3.21 -10.24
N VAL A 251 2.65 -3.15 -10.69
CA VAL A 251 1.76 -2.06 -10.25
C VAL A 251 1.44 -2.18 -8.74
N ALA A 252 1.03 -3.37 -8.28
CA ALA A 252 0.71 -3.53 -6.86
C ALA A 252 1.93 -3.21 -5.99
N ALA A 253 3.11 -3.65 -6.42
CA ALA A 253 4.32 -3.42 -5.66
C ALA A 253 4.66 -1.95 -5.65
N SER A 254 4.39 -1.27 -6.77
CA SER A 254 4.62 0.18 -6.86
C SER A 254 3.71 0.96 -5.91
N VAL A 255 2.46 0.55 -5.81
CA VAL A 255 1.53 1.17 -4.85
C VAL A 255 2.04 0.99 -3.43
N ALA A 256 2.53 -0.22 -3.10
CA ALA A 256 3.02 -0.50 -1.74
C ALA A 256 4.20 0.38 -1.40
N ALA A 257 5.10 0.54 -2.37
CA ALA A 257 6.28 1.39 -2.19
C ALA A 257 5.88 2.86 -1.95
N ALA A 258 4.94 3.37 -2.73
CA ALA A 258 4.47 4.75 -2.60
C ALA A 258 3.84 4.97 -1.23
N LEU A 259 3.02 4.01 -0.77
CA LEU A 259 2.39 4.10 0.53
C LEU A 259 3.42 4.10 1.66
N CYS A 260 4.41 3.22 1.54
CA CYS A 260 5.53 3.20 2.46
C CYS A 260 6.25 4.55 2.50
N ALA A 261 6.48 5.13 1.33
CA ALA A 261 7.17 6.41 1.24
C ALA A 261 6.36 7.50 1.94
N VAL A 262 5.06 7.58 1.70
CA VAL A 262 4.26 8.62 2.38
C VAL A 262 4.16 8.37 3.89
N GLU A 263 4.01 7.10 4.28
CA GLU A 263 4.08 6.72 5.69
C GLU A 263 5.36 7.22 6.35
N ARG A 264 6.46 7.18 5.60
CA ARG A 264 7.77 7.65 6.06
C ARG A 264 8.05 9.13 5.70
N GLY A 265 7.00 9.91 5.48
CA GLY A 265 7.09 11.37 5.37
C GLY A 265 7.40 11.98 4.01
N ALA A 266 7.29 11.21 2.94
CA ALA A 266 7.51 11.77 1.60
C ALA A 266 6.44 12.83 1.29
N ALA A 267 6.87 13.90 0.62
CA ALA A 267 5.97 14.99 0.20
C ALA A 267 5.32 14.69 -1.14
N ILE A 268 6.10 14.13 -2.07
CA ILE A 268 5.63 13.83 -3.42
C ILE A 268 6.09 12.42 -3.78
N VAL A 269 5.21 11.65 -4.42
CA VAL A 269 5.54 10.36 -4.97
C VAL A 269 5.36 10.43 -6.48
N ARG A 270 6.36 9.94 -7.19
CA ARG A 270 6.42 10.01 -8.64
C ARG A 270 6.07 8.64 -9.16
N VAL A 271 4.96 8.57 -9.94
CA VAL A 271 4.35 7.32 -10.35
C VAL A 271 3.86 7.26 -11.79
N HIS A 272 3.82 6.04 -12.34
CA HIS A 272 3.22 5.78 -13.62
C HIS A 272 1.71 5.56 -13.46
N ASP A 273 1.32 4.89 -12.38
CA ASP A 273 -0.04 4.43 -12.19
C ASP A 273 -0.80 5.39 -11.30
N VAL A 274 -1.34 6.43 -11.91
CA VAL A 274 -1.85 7.55 -11.12
C VAL A 274 -3.13 7.18 -10.36
N ALA A 275 -4.13 6.63 -11.04
CA ALA A 275 -5.42 6.25 -10.41
C ALA A 275 -5.21 5.29 -9.24
N ALA A 276 -4.40 4.25 -9.45
CA ALA A 276 -4.11 3.28 -8.40
C ALA A 276 -3.44 3.94 -7.18
N THR A 277 -2.45 4.82 -7.42
CA THR A 277 -1.74 5.48 -6.33
C THR A 277 -2.63 6.45 -5.56
N VAL A 278 -3.47 7.20 -6.29
CA VAL A 278 -4.41 8.14 -5.69
C VAL A 278 -5.43 7.43 -4.81
N ASP A 279 -5.97 6.34 -5.31
CA ASP A 279 -6.88 5.47 -4.51
C ASP A 279 -6.23 4.98 -3.22
N ALA A 280 -4.97 4.51 -3.32
CA ALA A 280 -4.25 4.00 -2.16
C ALA A 280 -4.06 5.12 -1.14
N LEU A 281 -3.66 6.29 -1.63
CA LEU A 281 -3.49 7.46 -0.79
C LEU A 281 -4.81 7.98 -0.21
N SER A 282 -5.94 7.79 -0.89
CA SER A 282 -7.24 8.14 -0.29
C SER A 282 -7.51 7.26 0.94
N VAL A 283 -7.19 5.97 0.85
CA VAL A 283 -7.30 5.08 2.01
C VAL A 283 -6.36 5.54 3.12
N TRP A 284 -5.10 5.71 2.77
CA TRP A 284 -4.09 6.22 3.71
C TRP A 284 -4.58 7.49 4.42
N ASN A 285 -5.12 8.46 3.67
CA ASN A 285 -5.60 9.73 4.26
C ASN A 285 -6.75 9.51 5.23
N ALA A 286 -7.63 8.56 4.90
CA ALA A 286 -8.77 8.26 5.75
C ALA A 286 -8.33 7.64 7.07
N VAL A 287 -7.28 6.81 7.00
CA VAL A 287 -6.72 6.18 8.19
C VAL A 287 -6.11 7.25 9.08
N ARG A 288 -5.28 8.10 8.49
CA ARG A 288 -4.69 9.21 9.23
C ARG A 288 -5.73 10.12 9.86
N ALA A 289 -6.81 10.40 9.14
CA ALA A 289 -7.85 11.28 9.68
C ALA A 289 -8.51 10.64 10.87
N ALA A 290 -8.75 9.33 10.80
CA ALA A 290 -9.28 8.62 11.95
C ALA A 290 -8.28 8.64 13.10
N ALA A 291 -7.00 8.41 12.82
CA ALA A 291 -5.96 8.41 13.87
C ALA A 291 -5.96 9.74 14.63
N ARG A 292 -6.11 10.83 13.88
CA ARG A 292 -6.11 12.18 14.44
C ARG A 292 -7.30 12.51 15.31
N GLN A 293 -8.34 11.67 15.29
CA GLN A 293 -9.48 11.84 16.22
C GLN A 293 -9.33 11.00 17.50
N ARG A 294 -8.18 10.33 17.66
CA ARG A 294 -7.95 9.49 18.82
C ARG A 294 -6.88 10.07 19.75
N SER B 4 5.10 -2.74 15.86
CA SER B 4 6.45 -2.70 15.24
C SER B 4 7.53 -2.85 16.32
N THR B 5 8.48 -3.79 16.20
CA THR B 5 8.49 -4.85 15.17
C THR B 5 7.69 -6.04 15.75
N PHE B 6 6.38 -5.94 15.58
CA PHE B 6 5.41 -6.74 16.33
C PHE B 6 5.34 -8.14 15.74
N LEU B 7 5.11 -9.13 16.60
CA LEU B 7 4.93 -10.51 16.15
C LEU B 7 3.59 -11.07 16.68
N PRO B 8 2.56 -11.17 15.80
CA PRO B 8 1.28 -11.74 16.24
C PRO B 8 1.45 -13.12 16.86
N ALA B 9 0.64 -13.39 17.87
CA ALA B 9 0.66 -14.66 18.57
C ALA B 9 0.25 -15.79 17.62
N PRO B 10 0.79 -17.01 17.84
CA PRO B 10 0.48 -18.12 16.95
C PRO B 10 -0.97 -18.59 16.98
N LEU B 11 -1.37 -19.26 15.90
CA LEU B 11 -2.70 -19.79 15.76
C LEU B 11 -2.68 -21.30 15.47
N GLN B 12 -3.24 -22.09 16.37
CA GLN B 12 -3.48 -23.50 16.09
C GLN B 12 -4.63 -23.58 15.08
N CYS B 13 -4.39 -24.21 13.92
CA CYS B 13 -5.29 -24.10 12.79
C CYS B 13 -5.51 -25.44 12.14
N GLY B 14 -6.14 -26.33 12.90
CA GLY B 14 -6.46 -27.67 12.42
C GLY B 14 -5.19 -28.46 12.16
N ARG B 15 -4.93 -28.79 10.90
CA ARG B 15 -3.73 -29.56 10.54
C ARG B 15 -2.46 -28.72 10.70
N PHE B 16 -2.61 -27.40 10.81
CA PHE B 16 -1.48 -26.49 10.73
C PHE B 16 -1.28 -25.73 12.03
N GLU B 17 -0.03 -25.44 12.34
CA GLU B 17 0.34 -24.52 13.40
CA GLU B 17 0.34 -24.52 13.41
C GLU B 17 0.84 -23.24 12.74
N LEU B 18 -0.02 -22.24 12.67
CA LEU B 18 0.37 -21.00 12.00
C LEU B 18 1.19 -20.09 12.93
N THR B 19 2.33 -19.63 12.44
CA THR B 19 3.11 -18.59 13.11
C THR B 19 3.24 -17.39 12.15
N PHE B 20 3.49 -16.21 12.70
CA PHE B 20 3.31 -14.98 11.94
C PHE B 20 4.60 -14.15 11.82
N GLU B 21 5.70 -14.82 11.51
CA GLU B 21 6.95 -14.16 11.13
C GLU B 21 6.71 -13.19 9.99
N ARG B 22 5.78 -13.56 9.11
CA ARG B 22 5.17 -12.62 8.17
C ARG B 22 3.65 -12.80 8.23
N PRO B 23 2.90 -11.74 7.91
CA PRO B 23 1.45 -11.87 7.84
C PRO B 23 1.07 -12.81 6.74
N LEU B 24 -0.05 -13.48 6.92
CA LEU B 24 -0.53 -14.47 5.96
C LEU B 24 -1.68 -13.94 5.17
N VAL B 25 -1.78 -14.40 3.92
CA VAL B 25 -2.83 -13.99 3.00
C VAL B 25 -3.90 -15.11 2.85
N MET B 26 -5.13 -14.77 3.21
CA MET B 26 -6.28 -15.68 3.06
C MET B 26 -7.05 -15.28 1.81
N GLY B 27 -7.06 -16.14 0.80
CA GLY B 27 -7.75 -15.83 -0.46
C GLY B 27 -9.22 -16.20 -0.35
N ILE B 28 -10.10 -15.33 -0.83
CA ILE B 28 -11.53 -15.52 -0.70
C ILE B 28 -11.98 -16.39 -1.88
N LEU B 29 -12.50 -17.56 -1.55
CA LEU B 29 -13.07 -18.48 -2.53
C LEU B 29 -14.57 -18.51 -2.33
N ASN B 30 -15.27 -17.65 -3.06
CA ASN B 30 -16.72 -17.65 -3.02
C ASN B 30 -17.21 -18.79 -3.89
N ALA B 31 -17.89 -19.76 -3.27
CA ALA B 31 -18.43 -20.94 -3.97
C ALA B 31 -19.88 -20.68 -4.40
N THR B 32 -20.08 -19.59 -5.10
CA THR B 32 -21.41 -19.07 -5.41
C THR B 32 -21.46 -18.54 -6.85
N PRO B 33 -22.29 -19.15 -7.73
CA PRO B 33 -22.37 -18.78 -9.15
C PRO B 33 -22.47 -17.27 -9.42
N ALA B 44 -19.62 -22.85 -10.71
CA ALA B 44 -19.78 -24.25 -10.32
C ALA B 44 -18.63 -24.70 -9.42
N ARG B 45 -18.51 -26.01 -9.22
CA ARG B 45 -17.48 -26.58 -8.34
C ARG B 45 -16.10 -26.53 -9.00
N ASP B 46 -16.00 -27.01 -10.24
CA ASP B 46 -14.71 -27.04 -10.95
C ASP B 46 -14.20 -25.61 -11.17
N ASP B 47 -15.13 -24.68 -11.33
CA ASP B 47 -14.83 -23.27 -11.46
C ASP B 47 -14.14 -22.76 -10.19
N ALA B 48 -14.66 -23.18 -9.03
CA ALA B 48 -14.07 -22.83 -7.73
C ALA B 48 -12.71 -23.50 -7.47
N LEU B 49 -12.54 -24.75 -7.94
CA LEU B 49 -11.28 -25.48 -7.75
C LEU B 49 -10.13 -24.85 -8.55
N ARG B 50 -10.42 -24.46 -9.78
CA ARG B 50 -9.47 -23.72 -10.62
CA ARG B 50 -9.44 -23.76 -10.61
C ARG B 50 -9.09 -22.41 -9.96
N ARG B 51 -10.07 -21.77 -9.34
CA ARG B 51 -9.85 -20.50 -8.61
C ARG B 51 -8.87 -20.73 -7.46
N ALA B 52 -9.08 -21.82 -6.72
CA ALA B 52 -8.26 -22.15 -5.56
C ALA B 52 -6.81 -22.46 -5.97
N GLU B 53 -6.65 -23.25 -7.02
CA GLU B 53 -5.32 -23.55 -7.56
C GLU B 53 -4.59 -22.28 -8.00
N ARG B 54 -5.28 -21.41 -8.73
CA ARG B 54 -4.74 -20.11 -9.14
C ARG B 54 -4.32 -19.27 -7.91
N MET B 55 -5.18 -19.20 -6.90
CA MET B 55 -4.87 -18.41 -5.69
C MET B 55 -3.64 -18.95 -4.94
N ILE B 56 -3.54 -20.27 -4.82
CA ILE B 56 -2.32 -20.88 -4.25
C ILE B 56 -1.10 -20.52 -5.10
N ALA B 57 -1.20 -20.63 -6.42
CA ALA B 57 -0.11 -20.24 -7.31
C ALA B 57 0.29 -18.77 -7.13
N GLU B 58 -0.69 -17.92 -6.81
CA GLU B 58 -0.44 -16.49 -6.61
C GLU B 58 0.14 -16.17 -5.23
N GLY B 59 0.18 -17.16 -4.33
CA GLY B 59 0.80 -17.01 -3.01
C GLY B 59 -0.17 -17.03 -1.85
N ALA B 60 -1.42 -17.45 -2.05
CA ALA B 60 -2.37 -17.56 -0.93
C ALA B 60 -1.82 -18.54 0.10
N ASP B 61 -1.87 -18.16 1.37
CA ASP B 61 -1.47 -19.04 2.48
C ASP B 61 -2.66 -19.79 3.10
N LEU B 62 -3.86 -19.25 2.95
CA LEU B 62 -5.09 -19.92 3.38
C LEU B 62 -6.15 -19.66 2.32
N LEU B 63 -7.16 -20.54 2.28
CA LEU B 63 -8.33 -20.34 1.43
C LEU B 63 -9.59 -20.28 2.28
N ASP B 64 -10.45 -19.31 2.02
CA ASP B 64 -11.70 -19.15 2.76
C ASP B 64 -12.84 -19.55 1.84
N ILE B 65 -13.50 -20.65 2.20
CA ILE B 65 -14.55 -21.24 1.42
C ILE B 65 -15.88 -20.78 2.01
N GLY B 66 -16.71 -20.14 1.20
CA GLY B 66 -18.02 -19.70 1.65
C GLY B 66 -19.08 -20.05 0.63
N GLY B 67 -20.11 -20.78 1.08
CA GLY B 67 -21.24 -21.16 0.22
C GLY B 67 -22.40 -20.18 0.28
N GLU B 68 -22.24 -19.10 1.02
CA GLU B 68 -23.30 -18.09 1.18
C GLU B 68 -22.79 -16.71 0.79
N SER B 69 -23.69 -15.73 0.78
CA SER B 69 -23.31 -14.35 0.92
C SER B 69 -23.46 -13.96 2.40
N THR B 70 -22.34 -14.09 3.13
CA THR B 70 -22.24 -13.75 4.56
C THR B 70 -21.96 -12.25 4.74
N ARG B 71 -22.71 -11.41 4.03
CA ARG B 71 -22.59 -9.95 4.15
C ARG B 71 -23.94 -9.36 4.53
N PRO B 72 -23.94 -8.12 5.05
CA PRO B 72 -25.20 -7.42 5.30
C PRO B 72 -26.13 -7.38 4.08
N GLY B 73 -27.43 -7.55 4.32
CA GLY B 73 -28.45 -7.40 3.27
C GLY B 73 -28.47 -8.45 2.17
N ALA B 74 -27.77 -9.57 2.36
CA ALA B 74 -27.73 -10.64 1.35
C ALA B 74 -28.79 -11.70 1.64
N PRO B 75 -29.33 -12.36 0.60
CA PRO B 75 -30.26 -13.48 0.86
C PRO B 75 -29.61 -14.66 1.60
N PRO B 76 -30.27 -15.20 2.65
CA PRO B 76 -29.74 -16.32 3.42
C PRO B 76 -29.97 -17.70 2.76
N VAL B 77 -28.87 -18.41 2.49
CA VAL B 77 -28.91 -19.67 1.74
C VAL B 77 -29.39 -20.87 2.61
N PRO B 78 -30.33 -21.68 2.07
CA PRO B 78 -30.81 -22.93 2.71
C PRO B 78 -29.71 -23.92 3.04
N LEU B 79 -29.91 -24.72 4.08
CA LEU B 79 -28.85 -25.56 4.64
C LEU B 79 -28.33 -26.63 3.69
N ASP B 80 -29.23 -27.32 3.00
CA ASP B 80 -28.84 -28.39 2.06
C ASP B 80 -27.94 -27.85 0.95
N GLU B 81 -28.28 -26.69 0.42
CA GLU B 81 -27.51 -26.08 -0.66
C GLU B 81 -26.15 -25.57 -0.17
N GLU B 82 -26.10 -24.96 1.01
CA GLU B 82 -24.82 -24.51 1.58
C GLU B 82 -23.90 -25.71 1.80
N LEU B 83 -24.44 -26.81 2.33
CA LEU B 83 -23.68 -28.05 2.50
C LEU B 83 -23.14 -28.60 1.18
N ALA B 84 -23.98 -28.60 0.14
CA ALA B 84 -23.62 -29.14 -1.17
C ALA B 84 -22.54 -28.33 -1.89
N ARG B 85 -22.41 -27.05 -1.57
CA ARG B 85 -21.37 -26.19 -2.12
C ARG B 85 -20.05 -26.36 -1.37
N VAL B 86 -20.14 -26.36 -0.04
CA VAL B 86 -18.95 -26.27 0.80
C VAL B 86 -18.23 -27.59 0.99
N ILE B 87 -18.96 -28.64 1.30
CA ILE B 87 -18.34 -29.92 1.66
C ILE B 87 -17.48 -30.52 0.54
N PRO B 88 -18.02 -30.60 -0.70
CA PRO B 88 -17.18 -31.15 -1.77
C PRO B 88 -15.93 -30.31 -2.12
N LEU B 89 -15.95 -29.00 -1.89
CA LEU B 89 -14.73 -28.19 -2.04
C LEU B 89 -13.71 -28.52 -0.95
N VAL B 90 -14.18 -28.70 0.28
CA VAL B 90 -13.32 -29.11 1.40
C VAL B 90 -12.64 -30.43 1.05
N GLU B 91 -13.43 -31.40 0.59
CA GLU B 91 -12.91 -32.73 0.24
C GLU B 91 -11.88 -32.64 -0.90
N ALA B 92 -12.21 -31.89 -1.94
CA ALA B 92 -11.32 -31.74 -3.10
C ALA B 92 -10.06 -30.95 -2.81
N LEU B 93 -10.14 -29.98 -1.89
CA LEU B 93 -9.01 -29.12 -1.58
C LEU B 93 -8.09 -29.61 -0.46
N ARG B 94 -8.58 -30.51 0.40
CA ARG B 94 -7.75 -31.10 1.48
C ARG B 94 -6.39 -31.61 1.05
N PRO B 95 -6.32 -32.36 -0.07
CA PRO B 95 -5.03 -32.88 -0.51
C PRO B 95 -3.97 -31.81 -0.77
N LEU B 96 -4.37 -30.57 -1.07
CA LEU B 96 -3.42 -29.51 -1.37
C LEU B 96 -2.58 -29.02 -0.18
N ASN B 97 -2.92 -29.46 1.03
CA ASN B 97 -2.16 -29.12 2.23
CA ASN B 97 -2.15 -29.12 2.23
C ASN B 97 -1.99 -27.61 2.40
N VAL B 98 -3.11 -26.89 2.31
CA VAL B 98 -3.18 -25.46 2.57
CA VAL B 98 -3.20 -25.46 2.53
C VAL B 98 -4.36 -25.22 3.52
N PRO B 99 -4.17 -24.36 4.53
CA PRO B 99 -5.29 -24.20 5.44
C PRO B 99 -6.63 -23.86 4.75
N LEU B 100 -7.67 -24.61 5.11
CA LEU B 100 -9.00 -24.42 4.61
C LEU B 100 -9.88 -23.79 5.69
N SER B 101 -10.27 -22.54 5.46
CA SER B 101 -11.14 -21.82 6.35
C SER B 101 -12.56 -21.89 5.80
N ILE B 102 -13.55 -21.98 6.69
CA ILE B 102 -14.94 -22.06 6.29
C ILE B 102 -15.69 -20.81 6.78
N ASP B 103 -16.22 -20.05 5.83
CA ASP B 103 -16.98 -18.83 6.11
C ASP B 103 -18.44 -19.21 6.34
N THR B 104 -18.74 -19.51 7.59
CA THR B 104 -20.10 -19.88 7.98
C THR B 104 -20.39 -19.56 9.43
N TYR B 105 -21.66 -19.25 9.68
CA TYR B 105 -22.20 -19.07 11.02
C TYR B 105 -23.21 -20.17 11.40
N LYS B 106 -23.45 -21.12 10.49
CA LYS B 106 -24.40 -22.20 10.74
C LYS B 106 -23.71 -23.37 11.42
N PRO B 107 -24.10 -23.68 12.68
CA PRO B 107 -23.52 -24.84 13.36
C PRO B 107 -23.52 -26.15 12.55
N ALA B 108 -24.57 -26.45 11.80
CA ALA B 108 -24.60 -27.69 11.00
C ALA B 108 -23.51 -27.69 9.92
N VAL B 109 -23.19 -26.52 9.38
CA VAL B 109 -22.16 -26.42 8.38
C VAL B 109 -20.81 -26.59 9.07
N MET B 110 -20.70 -26.00 10.27
CA MET B 110 -19.48 -26.12 11.05
C MET B 110 -19.17 -27.59 11.33
N ARG B 111 -20.18 -28.33 11.81
CA ARG B 111 -20.03 -29.75 12.13
CA ARG B 111 -20.03 -29.75 12.11
C ARG B 111 -19.62 -30.54 10.89
N ALA B 112 -20.37 -30.38 9.80
CA ALA B 112 -20.09 -31.13 8.55
C ALA B 112 -18.71 -30.79 7.96
N ALA B 113 -18.36 -29.51 8.01
CA ALA B 113 -17.09 -29.03 7.45
C ALA B 113 -15.90 -29.50 8.29
N LEU B 114 -16.03 -29.48 9.60
CA LEU B 114 -14.98 -30.03 10.46
C LEU B 114 -14.83 -31.54 10.24
N ALA B 115 -15.96 -32.25 10.13
CA ALA B 115 -15.93 -33.71 9.86
C ALA B 115 -15.28 -34.00 8.52
N ALA B 116 -15.47 -33.12 7.55
CA ALA B 116 -14.84 -33.24 6.25
C ALA B 116 -13.37 -32.84 6.27
N GLY B 117 -12.91 -32.24 7.37
CA GLY B 117 -11.48 -31.97 7.58
C GLY B 117 -11.05 -30.53 7.34
N ALA B 118 -11.97 -29.58 7.52
CA ALA B 118 -11.61 -28.17 7.46
C ALA B 118 -10.74 -27.81 8.66
N ASP B 119 -9.92 -26.77 8.48
CA ASP B 119 -8.91 -26.38 9.44
C ASP B 119 -9.31 -25.19 10.31
N LEU B 120 -10.20 -24.34 9.82
CA LEU B 120 -10.56 -23.11 10.53
C LEU B 120 -12.03 -22.76 10.26
N ILE B 121 -12.74 -22.38 11.33
CA ILE B 121 -14.11 -21.87 11.20
C ILE B 121 -14.10 -20.37 11.42
N ASN B 122 -14.58 -19.67 10.39
CA ASN B 122 -14.58 -18.24 10.33
C ASN B 122 -16.03 -17.76 10.44
N ASP B 123 -16.40 -17.21 11.60
CA ASP B 123 -17.82 -16.98 11.95
C ASP B 123 -18.18 -15.50 12.17
N ILE B 124 -18.91 -14.93 11.24
CA ILE B 124 -19.37 -13.56 11.35
C ILE B 124 -20.22 -13.33 12.59
N TRP B 125 -20.85 -14.37 13.14
CA TRP B 125 -21.64 -14.22 14.35
C TRP B 125 -20.88 -14.50 15.65
N GLY B 126 -19.58 -14.77 15.55
CA GLY B 126 -18.72 -14.88 16.73
C GLY B 126 -19.13 -16.04 17.64
N PHE B 127 -19.65 -17.08 17.02
CA PHE B 127 -20.07 -18.32 17.67
C PHE B 127 -21.26 -18.11 18.58
N ARG B 128 -22.10 -17.14 18.21
CA ARG B 128 -23.28 -16.83 18.98
C ARG B 128 -24.51 -17.62 18.53
N GLN B 129 -24.52 -18.18 17.34
CA GLN B 129 -25.70 -18.91 16.88
C GLN B 129 -25.87 -20.12 17.76
N PRO B 130 -27.13 -20.44 18.12
CA PRO B 130 -27.37 -21.55 19.03
C PRO B 130 -26.70 -22.84 18.56
N GLY B 131 -25.82 -23.39 19.38
CA GLY B 131 -25.14 -24.64 19.08
C GLY B 131 -23.77 -24.52 18.38
N ALA B 132 -23.34 -23.31 18.06
CA ALA B 132 -22.08 -23.12 17.34
C ALA B 132 -20.88 -23.51 18.22
N ILE B 133 -20.90 -23.08 19.48
CA ILE B 133 -19.80 -23.46 20.38
C ILE B 133 -19.63 -24.99 20.53
N ASP B 134 -20.76 -25.69 20.69
CA ASP B 134 -20.77 -27.15 20.76
C ASP B 134 -20.19 -27.81 19.50
N ALA B 135 -20.51 -27.22 18.35
CA ALA B 135 -20.00 -27.65 17.06
C ALA B 135 -18.47 -27.60 16.96
N VAL B 136 -17.85 -26.61 17.59
CA VAL B 136 -16.39 -26.36 17.40
C VAL B 136 -15.50 -26.68 18.61
N ARG B 137 -16.09 -26.99 19.75
CA ARG B 137 -15.31 -27.10 20.98
C ARG B 137 -14.27 -28.21 20.91
N ASP B 138 -14.60 -29.33 20.25
CA ASP B 138 -13.66 -30.45 20.13
C ASP B 138 -12.65 -30.22 18.99
N GLY B 139 -11.45 -30.76 19.19
CA GLY B 139 -10.48 -30.86 18.12
C GLY B 139 -9.55 -29.67 18.13
N ASN B 140 -8.94 -29.42 16.98
CA ASN B 140 -7.87 -28.44 16.87
C ASN B 140 -8.06 -27.35 15.83
N SER B 141 -9.26 -27.21 15.30
CA SER B 141 -9.50 -26.21 14.27
C SER B 141 -9.21 -24.81 14.81
N GLY B 142 -8.72 -23.95 13.94
CA GLY B 142 -8.68 -22.54 14.21
C GLY B 142 -10.11 -22.00 14.20
N LEU B 143 -10.31 -20.92 14.95
CA LEU B 143 -11.62 -20.30 15.06
C LEU B 143 -11.47 -18.80 15.02
N CYS B 144 -12.12 -18.16 14.06
CA CYS B 144 -12.11 -16.70 13.99
C CYS B 144 -13.47 -16.18 14.45
N ALA B 145 -13.45 -15.50 15.59
CA ALA B 145 -14.64 -14.83 16.15
C ALA B 145 -14.62 -13.40 15.65
N MET B 146 -15.59 -13.04 14.82
CA MET B 146 -15.71 -11.69 14.30
C MET B 146 -16.70 -10.90 15.11
N HIS B 147 -16.53 -9.57 15.11
CA HIS B 147 -17.51 -8.66 15.66
C HIS B 147 -18.49 -8.17 14.60
N MET B 148 -19.78 -8.37 14.88
CA MET B 148 -20.84 -7.80 14.08
C MET B 148 -21.86 -7.28 15.06
N LEU B 149 -22.36 -6.07 14.82
CA LEU B 149 -23.43 -5.54 15.66
C LEU B 149 -24.75 -6.12 15.15
N GLY B 150 -25.47 -6.82 16.00
CA GLY B 150 -26.78 -7.36 15.60
C GLY B 150 -27.30 -8.37 16.59
N GLU B 151 -28.57 -8.73 16.47
N GLU B 151 -28.58 -8.72 16.44
CA GLU B 151 -29.14 -9.78 17.31
CA GLU B 151 -29.21 -9.78 17.20
C GLU B 151 -29.14 -11.08 16.48
C GLU B 151 -29.11 -11.08 16.40
N PRO B 152 -28.42 -12.10 16.96
CA PRO B 152 -28.24 -13.39 16.26
C PRO B 152 -29.52 -14.06 15.74
N GLN B 153 -30.60 -13.95 16.51
CA GLN B 153 -31.85 -14.64 16.19
C GLN B 153 -32.48 -14.04 14.93
N THR B 154 -32.27 -12.75 14.73
CA THR B 154 -32.78 -12.04 13.56
C THR B 154 -32.01 -12.42 12.27
N MET B 155 -30.72 -12.76 12.42
CA MET B 155 -29.82 -13.01 11.28
C MET B 155 -29.54 -11.71 10.50
N GLN B 156 -29.78 -10.57 11.15
CA GLN B 156 -29.61 -9.26 10.53
C GLN B 156 -28.58 -8.42 11.28
N VAL B 157 -27.75 -7.74 10.51
CA VAL B 157 -26.88 -6.69 11.03
C VAL B 157 -27.74 -5.52 11.51
N GLY B 158 -27.35 -4.92 12.64
CA GLY B 158 -28.05 -3.77 13.22
C GLY B 158 -27.36 -2.46 12.86
N GLU B 159 -27.93 -1.36 13.36
CA GLU B 159 -27.43 -0.03 13.08
C GLU B 159 -26.24 0.30 13.98
N PRO B 160 -25.27 1.09 13.47
CA PRO B 160 -24.10 1.39 14.29
C PRO B 160 -24.50 2.09 15.57
N ASP B 161 -23.89 1.68 16.68
CA ASP B 161 -24.16 2.33 17.96
C ASP B 161 -23.06 1.94 18.97
N TYR B 162 -22.23 2.91 19.35
CA TYR B 162 -21.03 2.67 20.15
C TYR B 162 -20.73 3.85 21.08
N GLY B 163 -19.97 3.57 22.14
CA GLY B 163 -19.31 4.62 22.92
C GLY B 163 -18.02 4.88 22.21
N ASP B 164 -16.97 4.13 22.55
CA ASP B 164 -15.78 4.04 21.71
C ASP B 164 -15.83 2.71 20.98
N VAL B 165 -15.97 2.76 19.66
CA VAL B 165 -16.14 1.57 18.87
C VAL B 165 -14.97 0.60 19.07
N VAL B 166 -13.76 1.12 19.26
CA VAL B 166 -12.59 0.27 19.45
C VAL B 166 -12.70 -0.51 20.76
N THR B 167 -13.09 0.19 21.81
CA THR B 167 -13.26 -0.44 23.12
C THR B 167 -14.40 -1.44 23.10
N ASP B 168 -15.52 -1.06 22.48
CA ASP B 168 -16.70 -1.94 22.43
C ASP B 168 -16.39 -3.21 21.65
N VAL B 169 -15.67 -3.06 20.54
CA VAL B 169 -15.31 -4.21 19.71
C VAL B 169 -14.37 -5.13 20.52
N ARG B 170 -13.37 -4.54 21.20
CA ARG B 170 -12.45 -5.34 22.00
C ARG B 170 -13.15 -6.13 23.10
N ASP B 171 -14.04 -5.47 23.83
CA ASP B 171 -14.77 -6.11 24.94
C ASP B 171 -15.67 -7.24 24.47
N PHE B 172 -16.30 -7.08 23.32
CA PHE B 172 -17.15 -8.12 22.75
C PHE B 172 -16.31 -9.34 22.39
N LEU B 173 -15.17 -9.09 21.75
CA LEU B 173 -14.27 -10.15 21.34
C LEU B 173 -13.72 -10.86 22.58
N ALA B 174 -13.45 -10.10 23.64
CA ALA B 174 -12.98 -10.67 24.90
C ALA B 174 -14.00 -11.65 25.48
N ALA B 175 -15.27 -11.25 25.46
CA ALA B 175 -16.36 -12.09 25.90
C ALA B 175 -16.54 -13.33 25.02
N ARG B 176 -16.36 -13.20 23.71
CA ARG B 176 -16.50 -14.36 22.82
C ARG B 176 -15.37 -15.38 23.06
N ALA B 177 -14.15 -14.89 23.23
CA ALA B 177 -13.01 -15.77 23.53
C ALA B 177 -13.21 -16.48 24.84
N GLN B 178 -13.70 -15.75 25.85
CA GLN B 178 -14.01 -16.36 27.12
C GLN B 178 -15.06 -17.46 26.98
N ALA B 179 -16.10 -17.19 26.21
CA ALA B 179 -17.19 -18.16 26.04
C ALA B 179 -16.67 -19.44 25.37
N LEU B 180 -15.81 -19.28 24.37
CA LEU B 180 -15.15 -20.43 23.76
C LEU B 180 -14.28 -21.19 24.80
N ARG B 181 -13.48 -20.44 25.55
CA ARG B 181 -12.58 -21.06 26.54
C ARG B 181 -13.33 -21.78 27.66
N ASP B 182 -14.46 -21.19 28.10
CA ASP B 182 -15.31 -21.83 29.12
C ASP B 182 -15.84 -23.17 28.66
N ALA B 183 -15.98 -23.37 27.35
CA ALA B 183 -16.41 -24.66 26.81
C ALA B 183 -15.26 -25.61 26.51
N GLY B 184 -14.03 -25.22 26.86
CA GLY B 184 -12.84 -26.08 26.70
C GLY B 184 -11.92 -25.77 25.52
N VAL B 185 -12.21 -24.73 24.75
CA VAL B 185 -11.38 -24.38 23.59
C VAL B 185 -10.08 -23.76 24.09
N ALA B 186 -8.93 -24.31 23.68
CA ALA B 186 -7.63 -23.70 23.97
C ALA B 186 -7.52 -22.33 23.32
N ALA B 187 -6.98 -21.38 24.07
CA ALA B 187 -6.78 -19.99 23.60
C ALA B 187 -6.00 -19.87 22.31
N GLU B 188 -5.06 -20.80 22.09
CA GLU B 188 -4.23 -20.76 20.89
C GLU B 188 -4.97 -21.09 19.57
N ARG B 189 -6.18 -21.66 19.66
CA ARG B 189 -7.01 -21.94 18.48
C ARG B 189 -7.83 -20.73 18.01
N ILE B 190 -7.77 -19.64 18.77
CA ILE B 190 -8.67 -18.52 18.58
C ILE B 190 -7.95 -17.31 17.97
N CYS B 191 -8.54 -16.77 16.91
CA CYS B 191 -8.17 -15.45 16.43
C CYS B 191 -9.42 -14.61 16.41
N VAL B 192 -9.25 -13.29 16.29
CA VAL B 192 -10.36 -12.36 16.33
C VAL B 192 -10.33 -11.41 15.13
N ASP B 193 -11.47 -10.81 14.85
CA ASP B 193 -11.65 -9.96 13.68
C ASP B 193 -12.65 -8.85 14.03
N PRO B 194 -12.27 -7.58 13.83
CA PRO B 194 -13.15 -6.46 14.21
C PRO B 194 -14.38 -6.26 13.32
N GLY B 195 -14.43 -6.99 12.21
CA GLY B 195 -15.63 -7.06 11.40
C GLY B 195 -15.91 -5.80 10.64
N PHE B 196 -14.94 -5.43 9.81
CA PHE B 196 -15.09 -4.25 8.99
C PHE B 196 -16.35 -4.34 8.12
N GLY B 197 -17.17 -3.30 8.16
CA GLY B 197 -18.36 -3.21 7.34
C GLY B 197 -19.56 -3.92 7.95
N PHE B 198 -19.46 -4.39 9.20
CA PHE B 198 -20.59 -5.10 9.84
C PHE B 198 -21.18 -4.31 11.02
N GLY B 199 -22.14 -3.44 10.71
CA GLY B 199 -22.77 -2.58 11.72
C GLY B 199 -21.88 -1.42 12.15
N LYS B 200 -21.13 -0.86 11.19
CA LYS B 200 -20.21 0.25 11.46
C LYS B 200 -20.54 1.42 10.54
N ALA B 201 -20.43 2.64 11.04
CA ALA B 201 -20.47 3.82 10.17
C ALA B 201 -19.38 3.63 9.08
N VAL B 202 -19.80 3.75 7.82
CA VAL B 202 -19.00 3.31 6.66
C VAL B 202 -17.57 3.86 6.66
N VAL B 203 -17.42 5.11 7.05
CA VAL B 203 -16.12 5.71 7.14
C VAL B 203 -15.65 5.86 8.60
N ASP B 204 -16.40 6.56 9.44
CA ASP B 204 -15.90 6.91 10.78
C ASP B 204 -15.58 5.72 11.70
N ASP B 205 -16.45 4.71 11.75
CA ASP B 205 -16.20 3.54 12.61
C ASP B 205 -15.17 2.60 12.02
N ASN B 206 -15.29 2.29 10.73
CA ASN B 206 -14.37 1.39 10.07
C ASN B 206 -12.93 1.91 10.08
N TYR B 207 -12.73 3.20 9.82
CA TYR B 207 -11.38 3.75 9.83
C TYR B 207 -10.82 3.98 11.25
N ALA B 208 -11.71 4.19 12.22
CA ALA B 208 -11.27 4.21 13.64
C ALA B 208 -10.67 2.84 13.99
N LEU B 209 -11.38 1.79 13.59
CA LEU B 209 -10.94 0.44 13.87
C LEU B 209 -9.66 0.11 13.13
N LEU B 210 -9.50 0.59 11.90
CA LEU B 210 -8.27 0.32 11.15
C LEU B 210 -7.07 1.08 11.73
N ALA B 211 -7.25 2.37 12.03
CA ALA B 211 -6.18 3.20 12.66
C ALA B 211 -5.72 2.66 14.02
N ALA B 212 -6.67 2.12 14.78
CA ALA B 212 -6.40 1.57 16.11
C ALA B 212 -6.44 0.05 16.16
N LEU B 213 -6.18 -0.62 15.04
CA LEU B 213 -6.31 -2.07 14.94
C LEU B 213 -5.72 -2.90 16.11
N PRO B 214 -4.48 -2.61 16.53
CA PRO B 214 -3.94 -3.46 17.60
C PRO B 214 -4.81 -3.50 18.86
N ASP B 215 -5.44 -2.37 19.17
CA ASP B 215 -6.27 -2.22 20.36
C ASP B 215 -7.66 -2.88 20.26
N THR B 216 -8.02 -3.42 19.09
CA THR B 216 -9.27 -4.17 18.95
C THR B 216 -9.16 -5.60 19.53
N ALA B 217 -7.93 -6.09 19.73
CA ALA B 217 -7.70 -7.47 20.14
C ALA B 217 -7.54 -7.58 21.65
N PRO B 218 -8.35 -8.41 22.30
CA PRO B 218 -8.12 -8.69 23.69
C PRO B 218 -6.90 -9.58 23.89
N ALA B 219 -6.53 -9.78 25.16
CA ALA B 219 -5.36 -10.58 25.54
C ALA B 219 -5.71 -12.04 25.83
N ARG B 220 -4.84 -12.95 25.38
CA ARG B 220 -4.90 -14.35 25.78
C ARG B 220 -4.40 -14.43 27.23
N PRO B 221 -4.52 -15.59 27.88
CA PRO B 221 -4.02 -15.74 29.27
C PRO B 221 -2.52 -15.51 29.44
N ASP B 222 -1.73 -15.87 28.43
CA ASP B 222 -0.29 -15.62 28.45
C ASP B 222 0.09 -14.15 28.25
N GLY B 223 -0.91 -13.26 28.18
CA GLY B 223 -0.66 -11.82 28.01
C GLY B 223 -0.52 -11.35 26.57
N ARG B 224 -0.35 -12.27 25.63
CA ARG B 224 -0.29 -11.90 24.23
C ARG B 224 -1.71 -11.62 23.74
N ALA B 225 -1.83 -10.60 22.90
CA ALA B 225 -3.09 -10.34 22.22
C ALA B 225 -3.46 -11.52 21.32
N TYR B 226 -4.76 -11.84 21.27
CA TYR B 226 -5.29 -12.73 20.22
C TYR B 226 -4.86 -12.20 18.84
N PRO B 227 -4.37 -13.09 17.96
CA PRO B 227 -4.01 -12.63 16.63
C PRO B 227 -5.22 -12.17 15.85
N ILE B 228 -5.03 -11.19 14.97
CA ILE B 228 -6.11 -10.49 14.27
C ILE B 228 -6.18 -10.89 12.80
N LEU B 229 -7.37 -11.28 12.39
CA LEU B 229 -7.74 -11.41 10.98
C LEU B 229 -8.53 -10.16 10.59
N ALA B 230 -8.12 -9.53 9.50
CA ALA B 230 -8.78 -8.33 8.99
C ALA B 230 -9.23 -8.57 7.56
N GLY B 231 -10.47 -8.19 7.29
CA GLY B 231 -11.04 -8.33 5.96
C GLY B 231 -11.68 -7.02 5.51
N MET B 232 -11.01 -6.32 4.59
CA MET B 232 -11.55 -5.07 4.03
C MET B 232 -11.72 -5.09 2.52
N SER B 233 -11.38 -6.22 1.90
CA SER B 233 -11.23 -6.32 0.45
C SER B 233 -12.51 -5.94 -0.31
N ARG B 234 -12.39 -4.96 -1.19
CA ARG B 234 -13.47 -4.46 -2.03
C ARG B 234 -14.68 -3.87 -1.29
N LYS B 235 -14.51 -3.53 -0.02
CA LYS B 235 -15.65 -3.17 0.81
C LYS B 235 -16.04 -1.70 0.65
N SER B 236 -17.24 -1.38 1.11
CA SER B 236 -17.81 -0.04 1.02
C SER B 236 -16.97 1.02 1.67
N MET B 237 -16.28 0.69 2.77
CA MET B 237 -15.36 1.66 3.38
C MET B 237 -14.30 2.17 2.40
N LEU B 238 -13.97 1.35 1.41
CA LEU B 238 -12.99 1.74 0.39
C LEU B 238 -13.66 2.58 -0.73
N GLY B 239 -14.80 2.10 -1.23
CA GLY B 239 -15.56 2.85 -2.24
C GLY B 239 -15.89 4.26 -1.80
N ALA B 240 -16.21 4.40 -0.52
CA ALA B 240 -16.61 5.67 0.08
C ALA B 240 -15.51 6.73 0.00
N VAL B 241 -14.24 6.31 0.03
CA VAL B 241 -13.12 7.26 0.00
C VAL B 241 -12.49 7.44 -1.38
N ILE B 242 -12.93 6.67 -2.37
CA ILE B 242 -12.39 6.83 -3.72
C ILE B 242 -13.45 7.25 -4.72
N GLY B 243 -14.41 8.04 -4.27
CA GLY B 243 -15.36 8.65 -5.19
C GLY B 243 -16.48 7.72 -5.58
N GLY B 244 -16.66 6.63 -4.83
CA GLY B 244 -17.81 5.75 -5.02
C GLY B 244 -17.67 4.73 -6.14
N LYS B 245 -16.44 4.36 -6.48
CA LYS B 245 -16.21 3.34 -7.50
C LYS B 245 -16.74 1.97 -7.05
N PRO B 246 -17.18 1.13 -8.00
CA PRO B 246 -17.81 -0.12 -7.63
C PRO B 246 -16.77 -1.19 -7.26
N PRO B 247 -17.21 -2.32 -6.66
CA PRO B 247 -16.31 -3.34 -6.07
C PRO B 247 -15.11 -3.75 -6.92
N LEU B 248 -15.34 -3.97 -8.20
CA LEU B 248 -14.27 -4.41 -9.11
C LEU B 248 -13.21 -3.33 -9.37
N GLU B 249 -13.52 -2.07 -9.05
CA GLU B 249 -12.57 -0.99 -9.23
C GLU B 249 -11.89 -0.57 -7.90
N ARG B 250 -11.84 -1.48 -6.93
CA ARG B 250 -11.34 -1.15 -5.61
C ARG B 250 -10.06 -1.91 -5.26
N VAL B 251 -9.35 -2.42 -6.26
CA VAL B 251 -8.21 -3.29 -6.00
C VAL B 251 -7.08 -2.52 -5.32
N ALA B 252 -6.68 -1.38 -5.87
CA ALA B 252 -5.60 -0.59 -5.26
C ALA B 252 -5.95 -0.14 -3.86
N ALA B 253 -7.20 0.30 -3.67
CA ALA B 253 -7.65 0.67 -2.33
C ALA B 253 -7.60 -0.52 -1.36
N SER B 254 -7.93 -1.71 -1.85
CA SER B 254 -7.91 -2.95 -1.03
C SER B 254 -6.49 -3.32 -0.64
N VAL B 255 -5.57 -3.24 -1.60
CA VAL B 255 -4.15 -3.40 -1.28
C VAL B 255 -3.70 -2.40 -0.20
N ALA B 256 -4.08 -1.13 -0.35
CA ALA B 256 -3.72 -0.10 0.64
C ALA B 256 -4.22 -0.47 2.04
N ALA B 257 -5.47 -0.94 2.10
CA ALA B 257 -6.08 -1.31 3.38
C ALA B 257 -5.38 -2.53 4.02
N ALA B 258 -5.10 -3.54 3.21
CA ALA B 258 -4.35 -4.72 3.69
C ALA B 258 -2.98 -4.35 4.24
N LEU B 259 -2.26 -3.48 3.54
CA LEU B 259 -0.96 -2.98 4.04
C LEU B 259 -1.05 -2.23 5.34
N CYS B 260 -2.04 -1.34 5.43
CA CYS B 260 -2.31 -0.64 6.67
C CYS B 260 -2.58 -1.61 7.82
N ALA B 261 -3.37 -2.64 7.57
CA ALA B 261 -3.69 -3.63 8.59
C ALA B 261 -2.43 -4.34 9.05
N VAL B 262 -1.57 -4.76 8.12
CA VAL B 262 -0.34 -5.46 8.53
C VAL B 262 0.62 -4.50 9.22
N GLU B 263 0.65 -3.24 8.78
CA GLU B 263 1.45 -2.23 9.48
C GLU B 263 0.98 -2.10 10.94
N ARG B 264 -0.33 -2.23 11.13
CA ARG B 264 -0.94 -2.16 12.45
C ARG B 264 -1.08 -3.52 13.15
N GLY B 265 -0.28 -4.50 12.78
CA GLY B 265 -0.18 -5.78 13.48
C GLY B 265 -1.16 -6.91 13.11
N ALA B 266 -1.91 -6.80 12.01
CA ALA B 266 -2.76 -7.93 11.55
C ALA B 266 -1.94 -9.19 11.24
N ALA B 267 -2.42 -10.33 11.72
CA ALA B 267 -1.79 -11.61 11.46
C ALA B 267 -2.19 -12.14 10.08
N ILE B 268 -3.46 -11.96 9.72
CA ILE B 268 -4.02 -12.48 8.48
C ILE B 268 -4.84 -11.40 7.79
N VAL B 269 -4.68 -11.27 6.47
CA VAL B 269 -5.54 -10.40 5.70
C VAL B 269 -6.33 -11.26 4.68
N ARG B 270 -7.63 -11.02 4.64
CA ARG B 270 -8.57 -11.78 3.84
C ARG B 270 -8.87 -10.96 2.60
N VAL B 271 -8.53 -11.50 1.43
CA VAL B 271 -8.56 -10.70 0.21
C VAL B 271 -9.09 -11.45 -1.00
N HIS B 272 -9.58 -10.68 -1.95
CA HIS B 272 -9.97 -11.21 -3.26
C HIS B 272 -8.75 -11.24 -4.18
N ASP B 273 -7.93 -10.20 -4.10
CA ASP B 273 -6.85 -9.98 -5.07
C ASP B 273 -5.54 -10.48 -4.51
N VAL B 274 -5.28 -11.78 -4.70
CA VAL B 274 -4.21 -12.44 -3.97
C VAL B 274 -2.82 -12.01 -4.48
N ALA B 275 -2.60 -12.09 -5.81
CA ALA B 275 -1.30 -11.72 -6.38
C ALA B 275 -0.90 -10.30 -5.98
N ALA B 276 -1.85 -9.37 -6.09
CA ALA B 276 -1.58 -7.98 -5.79
C ALA B 276 -1.26 -7.78 -4.32
N THR B 277 -1.98 -8.47 -3.45
CA THR B 277 -1.73 -8.39 -2.01
C THR B 277 -0.37 -8.97 -1.65
N VAL B 278 -0.06 -10.12 -2.22
CA VAL B 278 1.21 -10.79 -2.00
C VAL B 278 2.40 -9.93 -2.45
N ASP B 279 2.31 -9.38 -3.65
CA ASP B 279 3.33 -8.46 -4.17
C ASP B 279 3.54 -7.26 -3.23
N ALA B 280 2.43 -6.65 -2.80
CA ALA B 280 2.49 -5.55 -1.85
C ALA B 280 3.16 -5.97 -0.57
N LEU B 281 2.84 -7.17 -0.08
CA LEU B 281 3.43 -7.65 1.17
C LEU B 281 4.90 -8.05 0.99
N SER B 282 5.33 -8.39 -0.22
CA SER B 282 6.75 -8.61 -0.46
C SER B 282 7.54 -7.31 -0.29
N VAL B 283 6.99 -6.22 -0.79
CA VAL B 283 7.62 -4.91 -0.63
C VAL B 283 7.63 -4.53 0.85
N TRP B 284 6.51 -4.72 1.54
CA TRP B 284 6.42 -4.40 2.97
C TRP B 284 7.47 -5.18 3.78
N ASN B 285 7.61 -6.47 3.50
CA ASN B 285 8.60 -7.28 4.22
C ASN B 285 10.04 -6.85 3.95
N ALA B 286 10.32 -6.48 2.71
CA ALA B 286 11.65 -5.98 2.36
C ALA B 286 12.02 -4.68 3.11
N VAL B 287 11.06 -3.77 3.24
CA VAL B 287 11.24 -2.56 4.04
C VAL B 287 11.49 -2.91 5.50
N ARG B 288 10.67 -3.82 6.05
CA ARG B 288 10.83 -4.25 7.44
C ARG B 288 12.19 -4.90 7.62
N ALA B 289 12.59 -5.76 6.68
CA ALA B 289 13.91 -6.42 6.79
C ALA B 289 15.05 -5.41 6.79
N ALA B 290 14.92 -4.35 5.98
CA ALA B 290 15.92 -3.28 5.97
C ALA B 290 15.88 -2.48 7.27
N ALA B 291 14.68 -2.18 7.78
CA ALA B 291 14.56 -1.43 9.04
C ALA B 291 15.23 -2.20 10.20
N ARG B 292 15.05 -3.52 10.23
CA ARG B 292 15.65 -4.36 11.29
C ARG B 292 17.17 -4.38 11.31
N GLN B 293 17.82 -3.91 10.25
CA GLN B 293 19.28 -3.72 10.27
C GLN B 293 19.69 -2.32 10.74
N ARG B 294 18.74 -1.52 11.24
CA ARG B 294 19.01 -0.16 11.69
C ARG B 294 18.52 0.03 13.13
O4 78H C . 13.33 8.31 -9.00
C4 78H C . 13.37 9.36 -9.64
C5 78H C . 13.43 9.34 -11.04
N3 78H C . 13.35 10.60 -8.97
C9 78H C . 13.49 10.57 -11.70
N5 78H C . 13.42 8.18 -11.73
C2 78H C . 13.42 11.80 -9.71
N8 78H C . 13.55 10.59 -13.09
N1 78H C . 13.47 11.73 -11.05
C6 78H C . 13.64 8.13 -13.05
N2 78H C . 13.45 12.99 -9.11
C7 78H C . 13.98 9.41 -13.85
C10 78H C . 13.56 6.81 -13.78
N11 78H C . 14.85 6.13 -13.74
C15 78H C . 14.94 4.87 -13.34
C16 78H C . 14.07 3.93 -13.88
C17 78H C . 15.90 4.51 -12.38
C18 78H C . 14.17 2.61 -13.47
C19 78H C . 15.98 3.20 -11.97
C20 78H C . 15.11 2.25 -12.52
C21 78H C . 15.20 0.79 -12.03
O22 78H C . 15.87 0.56 -11.01
O23 78H C . 14.55 -0.08 -12.64
CL CL D . 20.92 -6.09 -2.85
C1 EDO E . 26.98 -0.77 0.68
O1 EDO E . 25.92 0.15 1.07
C2 EDO E . 27.11 -0.90 -0.83
O2 EDO E . 25.90 -1.42 -1.41
C1 EDO F . 3.04 0.30 2.89
O1 EDO F . 4.10 -0.47 2.29
C2 EDO F . 3.29 0.59 4.37
O2 EDO F . 2.07 1.05 4.98
C1 EDO G . 28.48 11.57 -6.09
O1 EDO G . 28.04 10.85 -7.24
C2 EDO G . 27.79 11.05 -4.85
O2 EDO G . 28.83 10.75 -3.92
C1 EDO H . 22.77 -2.05 -9.38
O1 EDO H . 24.07 -2.16 -9.98
C2 EDO H . 22.32 -3.42 -8.92
O2 EDO H . 22.43 -3.53 -7.49
C1 EDO I . 29.44 17.66 -5.72
O1 EDO I . 29.20 16.28 -5.45
C2 EDO I . 29.45 18.46 -4.42
O2 EDO I . 28.18 18.36 -3.79
C1 EDO J . -2.80 -3.51 -8.41
O1 EDO J . -2.90 -4.74 -9.15
C2 EDO J . -4.12 -2.74 -8.45
O2 EDO J . -4.10 -1.70 -9.44
C1 EDO K . 22.39 -0.97 3.87
O1 EDO K . 22.77 -0.41 2.61
C2 EDO K . 23.10 -0.29 5.04
O2 EDO K . 22.70 1.08 5.10
C1 EDO L . 10.45 18.83 9.82
O1 EDO L . 11.75 18.26 9.80
C2 EDO L . 9.94 18.90 8.39
O2 EDO L . 8.59 19.38 8.33
C1 EDO M . -9.44 16.68 -15.23
O1 EDO M . -10.60 16.21 -14.53
C2 EDO M . -9.51 16.25 -16.67
O2 EDO M . -8.20 16.32 -17.28
C1 EDO N . 10.38 5.58 -15.87
O1 EDO N . 10.73 5.62 -14.49
C2 EDO N . 9.81 6.93 -16.27
O2 EDO N . 10.63 7.99 -15.73
C1 EDO O . 21.94 9.33 -16.98
O1 EDO O . 22.90 10.36 -17.19
C2 EDO O . 22.48 7.99 -17.45
O2 EDO O . 23.59 7.62 -16.63
O4 78H P . -14.39 -9.13 7.19
C4 78H P . -14.65 -10.32 7.29
C5 78H P . -15.61 -10.95 6.46
N3 78H P . -13.99 -11.10 8.25
C9 78H P . -15.85 -12.33 6.66
N5 78H P . -16.23 -10.26 5.47
C2 78H P . -14.30 -12.48 8.41
N8 78H P . -16.77 -13.00 5.87
N1 78H P . -15.21 -13.05 7.60
C6 78H P . -17.17 -10.85 4.71
N2 78H P . -13.70 -13.22 9.37
C7 78H P . -17.67 -12.28 4.96
C10 78H P . -17.82 -10.11 3.57
N11 78H P . -18.94 -9.29 4.07
C15 78H P . -19.00 -8.01 3.71
C16 78H P . -19.19 -7.02 4.67
C17 78H P . -18.84 -7.69 2.37
C18 78H P . -19.25 -5.70 4.27
C19 78H P . -18.89 -6.36 1.96
C20 78H P . -19.10 -5.37 2.92
C21 78H P . -19.13 -3.90 2.49
O22 78H P . -19.02 -3.07 3.38
O23 78H P . -19.12 -3.61 1.27
CL CL Q . -19.04 7.70 8.12
C1 EDO R . -23.66 -31.66 21.92
O1 EDO R . -24.38 -30.98 20.89
C2 EDO R . -23.70 -33.17 21.70
O2 EDO R . -24.50 -33.75 22.74
C1 EDO S . -17.61 -6.94 -2.32
O1 EDO S . -18.25 -5.71 -2.00
C2 EDO S . -17.03 -7.57 -1.06
O2 EDO S . -17.25 -8.98 -1.08
C1 EDO T . -20.77 -1.94 -2.83
O1 EDO T . -20.68 -0.51 -2.85
C2 EDO T . -20.27 -2.44 -1.48
O2 EDO T . -19.54 -3.67 -1.62
C1 EDO U . -20.98 -11.13 24.35
O1 EDO U . -20.89 -12.56 24.38
C2 EDO U . -22.17 -10.66 23.53
O2 EDO U . -22.92 -11.78 23.03
C1 EDO V . -23.10 -7.14 20.60
O1 EDO V . -22.83 -5.76 20.91
C2 EDO V . -22.86 -7.34 19.13
O2 EDO V . -24.09 -7.70 18.49
#